data_6VG8
#
_entry.id   6VG8
#
_cell.length_a   104.427
_cell.length_b   104.427
_cell.length_c   326.382
_cell.angle_alpha   90.000
_cell.angle_beta   90.000
_cell.angle_gamma   120.000
#
_symmetry.space_group_name_H-M   'P 62 2 2'
#
loop_
_entity.id
_entity.type
_entity.pdbx_description
1 polymer 'Friend leukemia integration 1 transcription factor'
2 polymer "DNA (5'-D(P*CP*AP*GP*AP*GP*GP*AP*TP*GP*TP*GP*GP*CP*TP*TP*C)-3')"
3 polymer "DNA (5'-D(P*GP*AP*AP*GP*CP*CP*AP*CP*AP*TP*CP*CP*TP*CP*TP*G)-3')"
4 polymer 'Runt-related transcription factor 2'
#
loop_
_entity_poly.entity_id
_entity_poly.type
_entity_poly.pdbx_seq_one_letter_code
_entity_poly.pdbx_strand_id
1 'polypeptide(L)'
;GPHMPGSGQIQLWQFLLELLSDSANASCITWEGTNGEFKMTDPDEVARRWGERKSKPNMNYDKLSRALRYYYDKNIMTKV
HGKRYAYKFDFHGIAQALQPHPTE
;
A
2 'polydeoxyribonucleotide' (DC)(DA)(DG)(DA)(DG)(DG)(DA)(DT)(DG)(DT)(DG)(DG)(DC)(DT)(DT)(DC) B
3 'polydeoxyribonucleotide' (DG)(DA)(DA)(DG)(DC)(DC)(DA)(DC)(DA)(DT)(DC)(DC)(DT)(DC)(DT)(DG) C
4 'polypeptide(L)'
;AELVRTDSPNFLCSVLPSHWRCNKTLPVAFKVVALGEVPDGTVVTVMAGNDENYSAELRNASAVMKNQVARFNDLRFVGR
SGRGKSFTLTITVFTNPPQVATYHRAIKVTVDGPREPRRHRQK
;
D
#
# COMPACT_ATOMS: atom_id res chain seq x y z
N MET A 4 19.63 4.95 -11.00
CA MET A 4 18.54 4.41 -10.13
C MET A 4 17.76 3.37 -10.93
N PRO A 5 16.79 2.60 -10.37
CA PRO A 5 16.39 1.32 -10.95
C PRO A 5 15.69 1.47 -12.31
N GLY A 6 15.54 2.72 -12.79
CA GLY A 6 15.13 3.04 -14.17
C GLY A 6 16.20 2.65 -15.19
N SER A 7 17.48 2.74 -14.78
CA SER A 7 18.70 2.36 -15.57
C SER A 7 18.68 0.91 -16.07
N GLY A 8 18.64 -0.04 -15.14
CA GLY A 8 18.78 -1.49 -15.39
C GLY A 8 17.53 -2.14 -15.95
N GLN A 9 16.38 -1.94 -15.29
CA GLN A 9 15.06 -2.48 -15.72
C GLN A 9 14.21 -1.36 -16.32
N ILE A 10 13.54 -1.66 -17.44
CA ILE A 10 12.77 -0.71 -18.29
C ILE A 10 11.50 -0.28 -17.55
N GLN A 11 11.09 0.98 -17.73
CA GLN A 11 9.92 1.61 -17.04
C GLN A 11 8.81 1.88 -18.06
N LEU A 12 7.76 2.62 -17.67
CA LEU A 12 6.78 3.24 -18.62
C LEU A 12 7.29 4.62 -19.04
N TRP A 13 7.29 5.57 -18.09
CA TRP A 13 7.70 6.98 -18.27
C TRP A 13 9.10 7.07 -18.92
N GLN A 14 10.02 6.16 -18.56
CA GLN A 14 11.37 6.06 -19.21
C GLN A 14 11.19 5.54 -20.64
N PHE A 15 10.25 4.62 -20.86
CA PHE A 15 9.94 3.98 -22.18
C PHE A 15 9.09 4.91 -23.04
N LEU A 16 7.95 5.36 -22.51
CA LEU A 16 6.95 6.24 -23.20
C LEU A 16 7.68 7.37 -23.93
N LEU A 17 8.76 7.89 -23.32
CA LEU A 17 9.55 9.04 -23.85
C LEU A 17 10.76 8.55 -24.66
N GLU A 18 10.65 7.36 -25.25
CA GLU A 18 11.51 6.87 -26.38
C GLU A 18 10.79 7.19 -27.69
N LEU A 19 9.55 7.65 -27.58
CA LEU A 19 8.53 7.68 -28.65
C LEU A 19 8.10 9.13 -28.90
N LEU A 20 8.06 9.95 -27.84
CA LEU A 20 7.94 11.44 -27.92
C LEU A 20 9.16 12.02 -28.63
N SER A 21 10.35 11.83 -28.05
CA SER A 21 11.65 12.40 -28.50
C SER A 21 11.94 11.97 -29.93
N ASP A 22 11.72 10.69 -30.24
CA ASP A 22 11.91 10.10 -31.60
C ASP A 22 10.80 10.61 -32.53
N SER A 23 11.19 11.28 -33.62
CA SER A 23 10.30 11.93 -34.61
C SER A 23 9.49 10.88 -35.41
N ALA A 24 10.03 9.67 -35.53
CA ALA A 24 9.53 8.60 -36.44
C ALA A 24 8.39 7.79 -35.80
N ASN A 25 8.01 8.09 -34.55
CA ASN A 25 6.93 7.39 -33.81
C ASN A 25 5.74 8.34 -33.58
N ALA A 26 5.73 9.51 -34.21
CA ALA A 26 4.62 10.50 -34.14
C ALA A 26 3.37 9.91 -34.80
N SER A 27 3.53 8.78 -35.50
CA SER A 27 2.43 7.90 -36.00
C SER A 27 1.46 7.53 -34.88
N CYS A 28 1.92 7.57 -33.62
CA CYS A 28 1.19 7.03 -32.44
C CYS A 28 1.11 8.04 -31.28
N ILE A 29 1.79 9.20 -31.34
CA ILE A 29 1.85 10.19 -30.20
C ILE A 29 2.42 11.53 -30.68
N THR A 30 2.46 12.54 -29.81
CA THR A 30 3.20 13.84 -30.01
C THR A 30 3.22 14.70 -28.73
N TRP A 31 4.29 15.48 -28.53
CA TRP A 31 4.32 16.64 -27.58
C TRP A 31 3.15 17.56 -27.93
N GLU A 32 2.30 17.94 -26.97
CA GLU A 32 1.20 18.92 -27.22
C GLU A 32 1.50 20.21 -26.46
N GLY A 33 2.29 21.10 -27.06
CA GLY A 33 2.49 22.49 -26.62
C GLY A 33 3.83 22.71 -25.95
N THR A 34 4.08 23.95 -25.50
CA THR A 34 5.34 24.39 -24.82
C THR A 34 5.42 23.74 -23.43
N ASN A 35 4.33 23.77 -22.66
CA ASN A 35 4.26 23.19 -21.29
C ASN A 35 4.03 21.69 -21.44
N GLY A 36 4.41 20.91 -20.41
CA GLY A 36 4.28 19.44 -20.40
C GLY A 36 2.85 19.02 -20.74
N GLU A 37 2.66 18.39 -21.90
CA GLU A 37 1.44 17.63 -22.30
C GLU A 37 1.83 16.58 -23.35
N PHE A 38 0.95 15.62 -23.61
CA PHE A 38 1.14 14.60 -24.69
C PHE A 38 -0.20 14.03 -25.17
N LYS A 39 -0.32 13.94 -26.49
CA LYS A 39 -1.50 13.42 -27.24
C LYS A 39 -1.38 11.89 -27.35
N MET A 40 -2.45 11.21 -27.75
CA MET A 40 -2.52 9.73 -27.92
C MET A 40 -3.15 9.41 -29.28
N THR A 41 -2.36 8.90 -30.23
CA THR A 41 -2.82 8.64 -31.63
C THR A 41 -3.68 7.38 -31.64
N ASP A 42 -3.08 6.19 -31.73
CA ASP A 42 -3.79 4.89 -31.64
C ASP A 42 -3.79 4.47 -30.16
N PRO A 43 -4.95 4.47 -29.48
CA PRO A 43 -5.00 4.11 -28.05
C PRO A 43 -4.65 2.63 -27.80
N ASP A 44 -4.69 1.78 -28.84
CA ASP A 44 -4.53 0.30 -28.73
C ASP A 44 -3.38 -0.22 -29.61
N GLU A 45 -2.61 0.66 -30.26
CA GLU A 45 -1.29 0.33 -30.88
C GLU A 45 -0.19 0.69 -29.87
N VAL A 46 -0.41 1.77 -29.11
CA VAL A 46 0.43 2.22 -27.96
C VAL A 46 0.62 1.04 -27.01
N ALA A 47 -0.46 0.62 -26.34
CA ALA A 47 -0.50 -0.53 -25.39
C ALA A 47 0.19 -1.74 -26.03
N ARG A 48 -0.04 -1.97 -27.32
CA ARG A 48 0.46 -3.14 -28.09
C ARG A 48 2.00 -3.24 -27.95
N ARG A 49 2.72 -2.15 -28.23
CA ARG A 49 4.21 -2.10 -28.20
C ARG A 49 4.71 -2.23 -26.75
N TRP A 50 3.97 -1.70 -25.78
CA TRP A 50 4.28 -1.87 -24.33
C TRP A 50 4.12 -3.35 -23.95
N GLY A 51 3.27 -4.07 -24.66
CA GLY A 51 3.22 -5.55 -24.64
C GLY A 51 4.45 -6.15 -25.33
N GLU A 52 4.81 -5.60 -26.50
CA GLU A 52 5.98 -6.03 -27.32
C GLU A 52 7.25 -6.01 -26.47
N ARG A 53 7.43 -4.98 -25.63
CA ARG A 53 8.59 -4.82 -24.72
C ARG A 53 8.43 -5.74 -23.50
N LYS A 54 7.28 -5.64 -22.81
CA LYS A 54 7.01 -6.35 -21.52
C LYS A 54 6.83 -7.86 -21.74
N SER A 55 6.75 -8.31 -23.00
CA SER A 55 6.54 -9.73 -23.38
C SER A 55 5.13 -10.17 -22.97
N LYS A 56 4.21 -9.20 -22.85
CA LYS A 56 2.84 -9.39 -22.30
C LYS A 56 1.83 -9.19 -23.42
N PRO A 57 1.51 -10.25 -24.20
CA PRO A 57 0.69 -10.09 -25.41
C PRO A 57 -0.77 -9.69 -25.12
N ASN A 58 -1.26 -10.06 -23.93
CA ASN A 58 -2.67 -9.80 -23.49
C ASN A 58 -2.88 -8.30 -23.25
N MET A 59 -1.79 -7.50 -23.21
CA MET A 59 -1.79 -6.05 -22.90
C MET A 59 -2.86 -5.31 -23.74
N ASN A 60 -3.57 -4.36 -23.11
CA ASN A 60 -4.51 -3.40 -23.76
C ASN A 60 -4.31 -2.02 -23.14
N TYR A 61 -5.11 -1.01 -23.54
CA TYR A 61 -5.07 0.35 -22.97
C TYR A 61 -5.47 0.28 -21.48
N ASP A 62 -6.67 -0.25 -21.19
CA ASP A 62 -7.23 -0.41 -19.82
C ASP A 62 -6.13 -0.81 -18.83
N LYS A 63 -5.24 -1.73 -19.24
CA LYS A 63 -4.16 -2.29 -18.38
C LYS A 63 -3.04 -1.26 -18.19
N LEU A 64 -2.33 -0.90 -19.26
CA LEU A 64 -1.26 0.15 -19.28
C LEU A 64 -1.75 1.39 -18.54
N SER A 65 -2.97 1.85 -18.85
CA SER A 65 -3.58 3.11 -18.36
C SER A 65 -3.59 3.14 -16.83
N ARG A 66 -4.13 2.08 -16.20
CA ARG A 66 -4.20 1.93 -14.72
C ARG A 66 -2.83 2.23 -14.11
N ALA A 67 -1.80 1.53 -14.59
CA ALA A 67 -0.38 1.75 -14.17
C ALA A 67 -0.08 3.25 -14.14
N LEU A 68 -0.48 3.99 -15.19
CA LEU A 68 -0.20 5.45 -15.34
C LEU A 68 -0.96 6.25 -14.29
N ARG A 69 -2.15 5.78 -13.89
CA ARG A 69 -3.04 6.51 -12.96
C ARG A 69 -2.53 6.36 -11.53
N TYR A 70 -1.70 5.33 -11.26
CA TYR A 70 -0.92 5.19 -9.99
C TYR A 70 -0.07 6.45 -9.79
N TYR A 71 0.56 6.92 -10.88
CA TYR A 71 1.62 7.98 -10.91
C TYR A 71 1.17 9.26 -10.20
N TYR A 72 -0.15 9.50 -10.18
CA TYR A 72 -0.81 10.73 -9.65
C TYR A 72 -0.41 10.94 -8.19
N ASP A 73 -0.65 9.91 -7.37
CA ASP A 73 -0.46 9.90 -5.90
C ASP A 73 1.04 10.03 -5.57
N LYS A 74 1.91 9.69 -6.53
CA LYS A 74 3.39 9.64 -6.35
C LYS A 74 4.06 10.88 -6.99
N ASN A 75 3.30 11.67 -7.76
CA ASN A 75 3.71 13.00 -8.30
C ASN A 75 4.79 12.82 -9.38
N ILE A 76 4.57 11.92 -10.33
CA ILE A 76 5.41 11.74 -11.56
C ILE A 76 4.80 12.57 -12.69
N MET A 77 3.52 12.34 -12.96
CA MET A 77 2.73 13.01 -14.04
C MET A 77 1.31 13.27 -13.53
N THR A 78 0.44 13.86 -14.36
CA THR A 78 -0.94 14.28 -13.99
C THR A 78 -1.82 14.39 -15.25
N LYS A 79 -3.15 14.47 -15.07
CA LYS A 79 -4.17 14.42 -16.15
C LYS A 79 -4.57 15.83 -16.61
N VAL A 80 -4.68 16.02 -17.92
CA VAL A 80 -5.36 17.18 -18.56
C VAL A 80 -6.85 16.83 -18.68
N HIS A 81 -7.69 17.44 -17.84
CA HIS A 81 -9.06 16.97 -17.49
C HIS A 81 -9.98 16.99 -18.71
N GLY A 82 -10.59 15.84 -19.03
CA GLY A 82 -11.63 15.69 -20.07
C GLY A 82 -11.07 15.60 -21.47
N LYS A 83 -9.74 15.77 -21.64
CA LYS A 83 -9.06 15.70 -22.96
C LYS A 83 -8.91 14.23 -23.37
N ARG A 84 -9.16 13.94 -24.64
CA ARG A 84 -9.17 12.56 -25.21
C ARG A 84 -7.74 11.99 -25.12
N TYR A 85 -7.45 11.32 -23.99
CA TYR A 85 -6.25 10.46 -23.76
C TYR A 85 -4.98 11.31 -23.66
N ALA A 86 -4.95 12.30 -22.77
CA ALA A 86 -3.82 13.26 -22.63
C ALA A 86 -3.53 13.58 -21.16
N TYR A 87 -2.29 13.32 -20.74
CA TYR A 87 -1.73 13.60 -19.39
C TYR A 87 -0.50 14.51 -19.57
N LYS A 88 0.33 14.69 -18.53
CA LYS A 88 1.58 15.50 -18.59
C LYS A 88 2.55 15.10 -17.47
N PHE A 89 3.85 15.31 -17.67
CA PHE A 89 4.96 14.91 -16.76
C PHE A 89 5.25 16.01 -15.73
N ASP A 90 5.49 15.61 -14.48
CA ASP A 90 5.98 16.51 -13.38
C ASP A 90 7.47 16.23 -13.18
N PHE A 91 8.32 17.18 -13.61
CA PHE A 91 9.80 17.06 -13.63
C PHE A 91 10.39 17.63 -12.34
N HIS A 92 9.86 18.77 -11.88
CA HIS A 92 10.24 19.45 -10.60
C HIS A 92 10.06 18.47 -9.42
N GLY A 93 9.51 17.28 -9.69
CA GLY A 93 9.34 16.17 -8.72
C GLY A 93 10.14 14.92 -9.09
N ILE A 94 10.37 14.67 -10.39
CA ILE A 94 11.19 13.53 -10.90
C ILE A 94 12.63 13.61 -10.32
N ALA A 95 13.07 14.82 -9.95
CA ALA A 95 14.46 15.15 -9.53
C ALA A 95 14.63 15.09 -8.01
N GLN A 96 13.54 15.13 -7.23
CA GLN A 96 13.52 14.74 -5.80
C GLN A 96 13.31 13.22 -5.72
N ALA A 97 12.67 12.65 -6.75
CA ALA A 97 12.46 11.20 -6.98
C ALA A 97 13.68 10.60 -7.72
N LEU A 98 14.73 11.40 -7.92
CA LEU A 98 16.07 10.94 -8.38
C LEU A 98 17.13 11.88 -7.79
N GLN A 99 16.89 12.38 -6.57
CA GLN A 99 17.70 13.41 -5.87
C GLN A 99 19.00 12.76 -5.36
N ALA D 1 -14.79 -17.03 17.46
CA ALA D 1 -13.40 -16.93 16.91
C ALA D 1 -12.40 -17.50 17.93
N GLU D 2 -11.13 -17.64 17.53
CA GLU D 2 -10.02 -18.24 18.35
C GLU D 2 -9.18 -17.12 18.98
N LEU D 3 -8.72 -17.34 20.22
CA LEU D 3 -7.97 -16.33 21.03
C LEU D 3 -6.54 -16.79 21.29
N VAL D 4 -5.72 -15.88 21.82
CA VAL D 4 -4.30 -16.12 22.24
C VAL D 4 -4.00 -15.31 23.51
N ARG D 5 -3.03 -15.78 24.29
CA ARG D 5 -2.57 -15.17 25.57
C ARG D 5 -2.06 -13.74 25.32
N THR D 6 -1.74 -13.04 26.41
CA THR D 6 -1.26 -11.62 26.40
C THR D 6 -0.24 -11.43 27.52
N ASP D 7 0.30 -10.20 27.65
CA ASP D 7 1.25 -9.80 28.73
C ASP D 7 0.47 -9.09 29.85
N SER D 8 -0.84 -8.97 29.72
CA SER D 8 -1.81 -8.73 30.82
C SER D 8 -2.83 -9.86 30.82
N PRO D 9 -2.82 -10.77 31.82
CA PRO D 9 -3.66 -11.97 31.78
C PRO D 9 -5.15 -11.67 31.93
N ASN D 10 -5.51 -10.39 32.03
CA ASN D 10 -6.89 -9.88 32.24
C ASN D 10 -7.58 -9.64 30.88
N PHE D 11 -6.81 -9.63 29.78
CA PHE D 11 -7.31 -9.32 28.41
C PHE D 11 -6.67 -10.24 27.36
N LEU D 12 -7.42 -10.55 26.30
CA LEU D 12 -6.98 -11.42 25.16
C LEU D 12 -7.45 -10.82 23.82
N CYS D 13 -6.82 -11.25 22.72
CA CYS D 13 -7.04 -10.73 21.34
C CYS D 13 -6.87 -11.86 20.31
N SER D 14 -7.11 -11.53 19.03
CA SER D 14 -7.16 -12.46 17.87
C SER D 14 -5.78 -13.07 17.59
N VAL D 15 -5.78 -14.21 16.88
CA VAL D 15 -4.56 -14.89 16.34
C VAL D 15 -4.20 -14.22 15.01
N LEU D 16 -3.43 -13.13 15.06
CA LEU D 16 -2.97 -12.37 13.86
C LEU D 16 -1.84 -13.14 13.20
N PRO D 17 -1.96 -13.52 11.91
CA PRO D 17 -1.11 -14.57 11.33
C PRO D 17 0.38 -14.22 11.30
N SER D 18 1.22 -15.23 11.10
CA SER D 18 2.70 -15.15 11.08
C SER D 18 3.15 -13.94 10.25
N HIS D 19 2.95 -14.01 8.93
CA HIS D 19 3.49 -13.06 7.92
C HIS D 19 2.41 -12.71 6.89
N TRP D 20 2.27 -11.42 6.59
CA TRP D 20 1.20 -10.82 5.73
C TRP D 20 1.80 -9.66 4.91
N ARG D 21 1.06 -9.13 3.94
CA ARG D 21 1.50 -8.02 3.05
C ARG D 21 1.15 -6.66 3.69
N CYS D 22 1.92 -5.62 3.33
CA CYS D 22 1.65 -4.20 3.69
C CYS D 22 0.24 -3.81 3.21
N ASN D 23 -0.65 -3.51 4.16
CA ASN D 23 -2.01 -2.97 3.91
C ASN D 23 -2.84 -4.00 3.14
N LYS D 24 -3.40 -4.98 3.86
CA LYS D 24 -4.41 -5.92 3.33
C LYS D 24 -5.62 -5.91 4.27
N THR D 25 -6.81 -6.14 3.70
CA THR D 25 -7.99 -6.62 4.46
C THR D 25 -7.56 -7.87 5.22
N LEU D 26 -7.33 -7.76 6.53
CA LEU D 26 -6.90 -8.87 7.42
C LEU D 26 -7.71 -10.12 7.12
N PRO D 27 -7.12 -11.34 7.19
CA PRO D 27 -7.86 -12.57 6.90
C PRO D 27 -8.88 -12.89 8.00
N VAL D 28 -8.58 -12.45 9.23
CA VAL D 28 -9.49 -12.49 10.42
C VAL D 28 -9.44 -11.13 11.10
N ALA D 29 -10.54 -10.37 11.07
CA ALA D 29 -10.67 -9.06 11.76
C ALA D 29 -10.26 -9.21 13.23
N PHE D 30 -10.07 -8.08 13.91
CA PHE D 30 -9.42 -8.03 15.24
C PHE D 30 -10.49 -7.90 16.34
N LYS D 31 -10.61 -8.94 17.17
CA LYS D 31 -11.41 -8.98 18.43
C LYS D 31 -10.46 -8.79 19.62
N VAL D 32 -10.89 -8.00 20.61
CA VAL D 32 -10.12 -7.70 21.85
C VAL D 32 -11.05 -7.84 23.05
N VAL D 33 -10.76 -8.79 23.93
CA VAL D 33 -11.71 -9.31 24.96
C VAL D 33 -11.40 -8.69 26.33
N ALA D 34 -12.46 -8.33 27.06
CA ALA D 34 -12.42 -7.83 28.46
C ALA D 34 -12.99 -8.90 29.39
N LEU D 35 -12.11 -9.59 30.14
CA LEU D 35 -12.50 -10.54 31.22
C LEU D 35 -12.92 -9.73 32.45
N GLY D 36 -12.05 -8.80 32.88
CA GLY D 36 -12.39 -7.74 33.84
C GLY D 36 -13.52 -6.88 33.31
N GLU D 37 -14.54 -6.63 34.12
CA GLU D 37 -15.79 -5.93 33.71
C GLU D 37 -15.44 -4.49 33.30
N VAL D 38 -15.67 -4.15 32.02
CA VAL D 38 -15.32 -2.86 31.37
C VAL D 38 -16.60 -2.15 30.94
N PRO D 39 -16.74 -0.82 31.18
CA PRO D 39 -17.92 -0.08 30.73
C PRO D 39 -18.01 -0.09 29.19
N ASP D 40 -18.97 -0.87 28.67
CA ASP D 40 -19.20 -1.10 27.21
C ASP D 40 -19.46 0.27 26.54
N GLY D 41 -18.43 0.82 25.89
CA GLY D 41 -18.40 2.20 25.39
C GLY D 41 -16.99 2.78 25.42
N THR D 42 -16.11 2.24 26.26
CA THR D 42 -14.67 2.59 26.37
C THR D 42 -13.97 2.38 25.02
N VAL D 43 -12.95 3.18 24.72
CA VAL D 43 -12.19 3.17 23.43
C VAL D 43 -10.94 2.30 23.59
N VAL D 44 -10.47 1.72 22.48
CA VAL D 44 -9.23 0.89 22.40
C VAL D 44 -8.47 1.27 21.11
N THR D 45 -7.21 1.70 21.24
CA THR D 45 -6.28 1.98 20.11
C THR D 45 -5.07 1.05 20.22
N VAL D 46 -4.39 0.80 19.09
CA VAL D 46 -3.17 -0.06 19.01
C VAL D 46 -2.03 0.76 18.38
N MET D 47 -0.79 0.46 18.78
CA MET D 47 0.45 1.10 18.27
C MET D 47 1.50 0.01 18.02
N ALA D 48 1.91 -0.16 16.76
CA ALA D 48 2.89 -1.17 16.29
C ALA D 48 4.28 -0.82 16.86
N GLY D 49 4.76 -1.61 17.82
CA GLY D 49 6.05 -1.42 18.50
C GLY D 49 7.13 -2.33 17.94
N ASN D 50 8.28 -1.76 17.60
CA ASN D 50 9.47 -2.49 17.05
C ASN D 50 10.70 -1.60 17.24
N ASP D 51 11.79 -2.16 17.77
CA ASP D 51 13.09 -1.46 17.97
C ASP D 51 13.37 -0.53 16.78
N GLU D 52 13.00 -0.95 15.56
CA GLU D 52 13.08 -0.14 14.31
C GLU D 52 11.70 0.46 14.00
N ASN D 53 11.66 1.78 13.73
CA ASN D 53 10.43 2.56 13.44
C ASN D 53 9.36 2.21 14.47
N TYR D 54 9.50 2.73 15.71
CA TYR D 54 8.76 2.30 16.92
C TYR D 54 7.28 2.72 16.85
N SER D 55 6.89 3.54 15.87
CA SER D 55 5.46 3.85 15.55
C SER D 55 5.22 3.78 14.04
N ALA D 56 4.68 2.65 13.57
CA ALA D 56 4.33 2.39 12.15
C ALA D 56 2.96 3.00 11.85
N GLU D 57 2.62 3.15 10.56
CA GLU D 57 1.32 3.71 10.09
C GLU D 57 0.26 2.60 10.11
N LEU D 58 -0.91 2.89 10.68
CA LEU D 58 -2.06 1.96 10.81
C LEU D 58 -3.35 2.69 10.41
N ARG D 59 -4.40 1.94 10.08
CA ARG D 59 -5.73 2.47 9.65
C ARG D 59 -6.85 1.71 10.36
N ASN D 60 -7.94 2.40 10.68
CA ASN D 60 -9.05 1.91 11.56
C ASN D 60 -8.41 1.35 12.84
N ALA D 61 -7.50 2.11 13.44
CA ALA D 61 -6.62 1.70 14.56
C ALA D 61 -7.34 1.88 15.90
N SER D 62 -8.37 2.73 15.94
CA SER D 62 -9.23 3.00 17.13
C SER D 62 -10.54 2.20 17.01
N ALA D 63 -11.02 1.64 18.12
CA ALA D 63 -12.26 0.84 18.20
C ALA D 63 -12.96 1.07 19.54
N VAL D 64 -14.24 0.68 19.64
CA VAL D 64 -15.13 0.89 20.82
C VAL D 64 -15.42 -0.46 21.48
N MET D 65 -15.24 -0.54 22.80
CA MET D 65 -15.62 -1.70 23.65
C MET D 65 -17.15 -1.81 23.66
N LYS D 66 -17.69 -3.00 23.39
CA LYS D 66 -19.15 -3.30 23.42
C LYS D 66 -19.36 -4.75 23.84
N ASN D 67 -20.22 -4.99 24.84
CA ASN D 67 -20.51 -6.32 25.45
C ASN D 67 -19.20 -6.99 25.88
N GLN D 68 -18.28 -6.22 26.47
CA GLN D 68 -16.97 -6.70 27.03
C GLN D 68 -16.08 -7.28 25.92
N VAL D 69 -16.32 -6.89 24.65
CA VAL D 69 -15.59 -7.42 23.45
C VAL D 69 -15.46 -6.29 22.42
N ALA D 70 -14.31 -5.60 22.42
CA ALA D 70 -13.95 -4.54 21.44
C ALA D 70 -13.47 -5.19 20.14
N ARG D 71 -14.08 -4.82 19.00
CA ARG D 71 -13.73 -5.35 17.65
C ARG D 71 -13.41 -4.18 16.72
N PHE D 72 -12.49 -4.39 15.77
CA PHE D 72 -11.96 -3.36 14.83
C PHE D 72 -12.53 -3.62 13.43
N ASN D 73 -13.41 -2.73 12.97
CA ASN D 73 -14.14 -2.84 11.68
C ASN D 73 -13.23 -3.56 10.68
N ASP D 74 -12.09 -2.94 10.34
CA ASP D 74 -10.94 -3.60 9.67
C ASP D 74 -9.67 -2.80 9.95
N LEU D 75 -8.88 -3.27 10.91
CA LEU D 75 -7.48 -2.80 11.14
C LEU D 75 -6.64 -3.18 9.93
N ARG D 76 -5.67 -2.33 9.56
CA ARG D 76 -4.72 -2.59 8.45
C ARG D 76 -3.33 -2.07 8.83
N PHE D 77 -2.30 -2.87 8.52
CA PHE D 77 -0.86 -2.60 8.83
C PHE D 77 -0.17 -2.06 7.58
N VAL D 78 0.30 -0.81 7.63
CA VAL D 78 0.96 -0.10 6.49
C VAL D 78 2.48 -0.07 6.74
N GLY D 79 2.92 0.59 7.82
CA GLY D 79 4.34 0.76 8.17
C GLY D 79 5.03 -0.58 8.36
N ARG D 80 6.04 -0.88 7.53
CA ARG D 80 6.73 -2.20 7.50
C ARG D 80 7.64 -2.35 8.73
N SER D 81 7.82 -3.59 9.20
CA SER D 81 8.67 -3.97 10.36
C SER D 81 10.13 -4.09 9.91
N GLY D 82 10.35 -4.78 8.78
CA GLY D 82 11.68 -5.12 8.24
C GLY D 82 11.81 -6.62 8.00
N ARG D 83 12.96 -7.06 7.53
CA ARG D 83 13.28 -8.49 7.23
C ARG D 83 13.35 -9.27 8.55
N GLY D 84 12.67 -10.42 8.61
CA GLY D 84 12.66 -11.33 9.77
C GLY D 84 12.04 -10.71 11.01
N LYS D 85 11.78 -9.39 10.98
CA LYS D 85 11.34 -8.58 12.15
C LYS D 85 9.82 -8.49 12.16
N SER D 86 9.22 -8.61 13.36
CA SER D 86 7.76 -8.52 13.62
C SER D 86 7.49 -7.29 14.49
N PHE D 87 6.24 -7.12 14.94
CA PHE D 87 5.79 -5.99 15.79
C PHE D 87 5.42 -6.51 17.18
N THR D 88 5.92 -5.83 18.23
CA THR D 88 5.45 -5.95 19.64
C THR D 88 4.36 -4.88 19.84
N LEU D 89 3.21 -5.05 19.18
CA LEU D 89 2.14 -4.01 19.11
C LEU D 89 1.55 -3.80 20.52
N THR D 90 1.45 -2.54 20.93
CA THR D 90 0.85 -2.08 22.22
C THR D 90 -0.66 -1.95 22.02
N ILE D 91 -1.42 -2.14 23.10
CA ILE D 91 -2.92 -2.20 23.08
C ILE D 91 -3.46 -1.38 24.26
N THR D 92 -4.00 -0.20 23.99
CA THR D 92 -4.47 0.78 25.00
C THR D 92 -5.99 0.65 25.20
N VAL D 93 -6.45 0.71 26.45
CA VAL D 93 -7.89 0.79 26.83
C VAL D 93 -8.10 2.09 27.63
N PHE D 94 -8.81 3.06 27.04
CA PHE D 94 -9.04 4.41 27.61
C PHE D 94 -10.06 4.32 28.75
N THR D 95 -9.59 4.29 30.00
CA THR D 95 -10.42 4.15 31.24
C THR D 95 -9.75 4.93 32.38
N ASN D 96 -10.15 4.68 33.64
CA ASN D 96 -9.60 5.31 34.87
C ASN D 96 -9.26 4.22 35.89
N PRO D 97 -8.04 3.65 35.93
CA PRO D 97 -6.94 4.03 35.03
C PRO D 97 -6.93 3.25 33.71
N PRO D 98 -6.34 3.80 32.62
CA PRO D 98 -6.12 3.05 31.39
C PRO D 98 -5.12 1.91 31.62
N GLN D 99 -5.22 0.83 30.84
CA GLN D 99 -4.37 -0.38 30.98
C GLN D 99 -3.91 -0.83 29.58
N VAL D 100 -2.73 -1.48 29.53
CA VAL D 100 -2.09 -1.96 28.26
C VAL D 100 -1.56 -3.38 28.47
N ALA D 101 -1.62 -4.19 27.41
CA ALA D 101 -0.96 -5.51 27.28
C ALA D 101 -0.02 -5.48 26.07
N THR D 102 1.31 -5.48 26.32
CA THR D 102 2.35 -5.69 25.29
C THR D 102 2.05 -7.04 24.62
N TYR D 103 2.51 -7.23 23.38
CA TYR D 103 2.26 -8.46 22.59
C TYR D 103 3.38 -8.65 21.56
N HIS D 104 4.43 -9.38 21.96
CA HIS D 104 5.66 -9.63 21.17
C HIS D 104 5.33 -10.51 19.96
N ARG D 105 6.12 -10.36 18.88
CA ARG D 105 6.14 -11.22 17.66
C ARG D 105 4.73 -11.36 17.07
N ALA D 106 3.93 -10.29 17.13
CA ALA D 106 2.52 -10.25 16.68
C ALA D 106 2.42 -10.69 15.21
N ILE D 107 3.03 -9.94 14.29
CA ILE D 107 2.93 -10.20 12.82
C ILE D 107 4.10 -9.55 12.07
N LYS D 108 4.58 -10.23 11.03
CA LYS D 108 5.67 -9.75 10.13
C LYS D 108 5.05 -9.00 8.95
N VAL D 109 5.41 -7.71 8.80
CA VAL D 109 4.82 -6.77 7.80
C VAL D 109 5.84 -6.49 6.69
N THR D 110 5.71 -7.20 5.56
CA THR D 110 6.60 -7.07 4.38
C THR D 110 5.77 -6.62 3.16
N VAL D 111 6.39 -6.54 1.99
CA VAL D 111 5.75 -6.11 0.71
C VAL D 111 4.89 -7.24 0.14
N ASP D 112 5.46 -8.44 -0.05
CA ASP D 112 4.70 -9.65 -0.44
C ASP D 112 4.28 -10.34 0.87
N GLY D 113 3.01 -10.73 0.99
CA GLY D 113 2.62 -11.80 1.92
C GLY D 113 3.24 -13.10 1.41
N PRO D 114 3.43 -14.15 2.22
CA PRO D 114 4.20 -15.30 1.76
C PRO D 114 3.47 -16.03 0.62
N ARG D 115 3.66 -15.59 -0.62
CA ARG D 115 3.27 -16.34 -1.83
C ARG D 115 4.15 -17.58 -1.94
N GLU D 116 3.58 -18.72 -2.32
CA GLU D 116 4.37 -19.95 -2.66
C GLU D 116 5.58 -19.50 -3.46
N PRO D 117 6.82 -19.63 -2.91
CA PRO D 117 7.99 -18.96 -3.50
C PRO D 117 8.31 -19.41 -4.95
N ARG D 118 9.29 -18.74 -5.57
CA ARG D 118 9.49 -18.66 -7.05
C ARG D 118 9.68 -20.06 -7.65
N ARG D 119 9.36 -20.21 -8.93
CA ARG D 119 9.45 -21.47 -9.72
C ARG D 119 10.41 -21.27 -10.91
N HIS D 120 11.70 -21.03 -10.62
CA HIS D 120 12.80 -20.86 -11.61
C HIS D 120 13.93 -21.84 -11.28
#